data_7EIE
#
_entry.id   7EIE
#
_cell.length_a   90.448
_cell.length_b   50.840
_cell.length_c   82.629
_cell.angle_alpha   90.00
_cell.angle_beta   100.22
_cell.angle_gamma   90.00
#
_symmetry.space_group_name_H-M   'C 1 2 1'
#
loop_
_entity.id
_entity.type
_entity.pdbx_description
1 polymer 'YEATS domain-containing protein 2'
2 non-polymer GLYCEROL
3 water water
#
_entity_poly.entity_id   1
_entity_poly.type   'polypeptide(L)'
_entity_poly.pdbx_seq_one_letter_code
;GSRLFVKKTIVVGNVSKYIPPDKREENDQSTHKWMVYVRGSRREPSINHFVKKVWFFLHPSYKPNDLVEVREPPFHLTRR
GWGEFPVRVQVHFKDSQNKRIDIIHNLKLDRTYTGLQTLGAETVVDVEL
;
_entity_poly.pdbx_strand_id   A,B
#
loop_
_chem_comp.id
_chem_comp.type
_chem_comp.name
_chem_comp.formula
GOL non-polymer GLYCEROL 'C3 H8 O3'
#
# COMPACT_ATOMS: atom_id res chain seq x y z
N VAL A 6 6.35 0.67 -30.14
CA VAL A 6 5.13 0.14 -30.84
C VAL A 6 4.09 -0.25 -29.79
N LYS A 7 4.12 -1.49 -29.32
CA LYS A 7 3.11 -2.06 -28.38
C LYS A 7 3.50 -1.70 -26.94
N LYS A 8 2.58 -1.03 -26.21
CA LYS A 8 2.79 -0.60 -24.81
C LYS A 8 1.57 -0.98 -23.97
N THR A 9 1.82 -1.41 -22.72
CA THR A 9 0.78 -1.66 -21.69
C THR A 9 0.59 -0.39 -20.87
N ILE A 10 -0.66 0.02 -20.68
CA ILE A 10 -1.06 1.14 -19.77
C ILE A 10 -1.98 0.56 -18.70
N VAL A 11 -1.66 0.81 -17.43
CA VAL A 11 -2.51 0.39 -16.28
C VAL A 11 -3.01 1.65 -15.60
N VAL A 12 -4.34 1.80 -15.54
CA VAL A 12 -5.03 2.82 -14.68
C VAL A 12 -5.58 2.07 -13.48
N GLY A 13 -5.11 2.42 -12.29
CA GLY A 13 -5.54 1.76 -11.04
C GLY A 13 -5.91 2.78 -9.99
N ASN A 14 -6.46 2.33 -8.88
CA ASN A 14 -6.63 3.22 -7.70
C ASN A 14 -6.31 2.43 -6.44
N VAL A 15 -5.75 3.13 -5.48
CA VAL A 15 -5.66 2.71 -4.05
C VAL A 15 -6.62 3.60 -3.28
N SER A 16 -6.95 3.22 -2.06
CA SER A 16 -7.72 4.08 -1.14
C SER A 16 -7.42 3.66 0.29
N LYS A 17 -7.58 4.59 1.22
CA LYS A 17 -7.59 4.27 2.67
C LYS A 17 -8.89 4.82 3.26
N TYR A 18 -9.50 4.01 4.13
CA TYR A 18 -10.65 4.41 4.97
C TYR A 18 -10.17 5.49 5.94
N ILE A 19 -10.94 6.57 6.06
CA ILE A 19 -10.71 7.64 7.07
C ILE A 19 -11.61 7.35 8.26
N PRO A 20 -11.05 6.91 9.41
CA PRO A 20 -11.86 6.67 10.60
C PRO A 20 -12.63 7.93 10.97
N PRO A 21 -13.83 7.80 11.58
CA PRO A 21 -14.68 8.96 11.90
C PRO A 21 -13.97 10.10 12.63
N ASP A 22 -13.09 9.77 13.60
CA ASP A 22 -12.42 10.78 14.47
C ASP A 22 -11.39 11.59 13.66
N LYS A 23 -10.88 11.03 12.55
CA LYS A 23 -9.80 11.66 11.74
C LYS A 23 -10.38 12.45 10.55
N ARG A 24 -11.71 12.49 10.41
CA ARG A 24 -12.39 13.25 9.31
C ARG A 24 -12.39 14.74 9.66
N GLU A 25 -12.18 15.59 8.65
CA GLU A 25 -12.20 17.08 8.79
C GLU A 25 -13.61 17.52 9.14
N GLU A 26 -13.74 18.65 9.84
CA GLU A 26 -15.02 19.18 10.38
C GLU A 26 -16.02 19.39 9.24
N ASN A 27 -15.55 19.87 8.08
CA ASN A 27 -16.40 20.29 6.93
C ASN A 27 -16.30 19.28 5.77
N ASP A 28 -15.82 18.06 6.04
CA ASP A 28 -15.63 17.00 5.01
C ASP A 28 -16.13 15.65 5.56
N GLN A 29 -17.23 15.15 5.00
CA GLN A 29 -17.87 13.87 5.41
C GLN A 29 -17.34 12.71 4.55
N SER A 30 -16.30 12.93 3.75
CA SER A 30 -15.62 11.88 2.94
C SER A 30 -15.18 10.74 3.86
N THR A 31 -15.45 9.49 3.45
CA THR A 31 -15.13 8.25 4.20
C THR A 31 -13.76 7.71 3.77
N HIS A 32 -13.28 8.08 2.58
CA HIS A 32 -12.04 7.53 1.98
C HIS A 32 -11.17 8.65 1.41
N LYS A 33 -9.86 8.46 1.47
CA LYS A 33 -8.86 9.17 0.63
C LYS A 33 -8.42 8.19 -0.46
N TRP A 34 -8.63 8.52 -1.73
CA TRP A 34 -8.28 7.63 -2.86
C TRP A 34 -7.22 8.30 -3.73
N MET A 35 -6.44 7.48 -4.43
CA MET A 35 -5.43 7.93 -5.41
C MET A 35 -5.59 7.10 -6.69
N VAL A 36 -5.84 7.77 -7.81
CA VAL A 36 -5.86 7.11 -9.14
C VAL A 36 -4.46 7.28 -9.74
N TYR A 37 -3.93 6.22 -10.34
CA TYR A 37 -2.58 6.24 -10.95
C TYR A 37 -2.65 5.72 -12.38
N VAL A 38 -1.75 6.22 -13.21
CA VAL A 38 -1.50 5.70 -14.58
C VAL A 38 -0.03 5.30 -14.63
N ARG A 39 0.23 4.01 -14.88
CA ARG A 39 1.60 3.46 -14.97
C ARG A 39 1.69 2.51 -16.17
N GLY A 40 2.88 1.98 -16.42
CA GLY A 40 3.12 0.99 -17.49
C GLY A 40 2.90 -0.41 -16.97
N SER A 41 3.61 -1.37 -17.53
CA SER A 41 3.62 -2.79 -17.08
C SER A 41 4.35 -2.87 -15.74
N ARG A 42 4.29 -4.03 -15.09
CA ARG A 42 5.08 -4.32 -13.85
C ARG A 42 6.57 -4.21 -14.18
N ARG A 43 6.99 -4.64 -15.39
N ARG A 43 6.98 -4.66 -15.37
CA ARG A 43 8.41 -4.67 -15.83
CA ARG A 43 8.40 -4.64 -15.85
C ARG A 43 8.90 -3.25 -16.14
C ARG A 43 8.88 -3.21 -16.06
N GLU A 44 8.02 -2.37 -16.65
CA GLU A 44 8.37 -0.98 -17.05
C GLU A 44 7.30 -0.03 -16.53
N PRO A 45 7.20 0.20 -15.20
CA PRO A 45 6.12 1.02 -14.63
C PRO A 45 6.16 2.49 -15.07
N SER A 46 7.35 3.04 -15.32
CA SER A 46 7.55 4.45 -15.74
C SER A 46 7.07 4.62 -17.18
N ILE A 47 6.21 5.62 -17.44
CA ILE A 47 5.63 5.89 -18.78
C ILE A 47 5.98 7.31 -19.28
N ASN A 48 6.83 8.02 -18.53
N ASN A 48 6.83 8.04 -18.54
CA ASN A 48 7.24 9.43 -18.77
CA ASN A 48 7.14 9.47 -18.84
C ASN A 48 7.90 9.57 -20.15
C ASN A 48 7.91 9.59 -20.16
N HIS A 49 8.59 8.52 -20.60
CA HIS A 49 9.38 8.52 -21.87
C HIS A 49 8.46 8.53 -23.11
N PHE A 50 7.19 8.11 -22.99
CA PHE A 50 6.24 8.09 -24.13
C PHE A 50 4.89 8.75 -23.80
N VAL A 51 4.64 9.12 -22.54
CA VAL A 51 3.39 9.86 -22.14
C VAL A 51 3.76 11.30 -21.79
N LYS A 52 3.09 12.26 -22.44
CA LYS A 52 3.29 13.73 -22.26
C LYS A 52 2.58 14.17 -20.98
N LYS A 53 1.30 13.80 -20.85
CA LYS A 53 0.46 14.20 -19.69
C LYS A 53 -0.81 13.34 -19.65
N VAL A 54 -1.57 13.48 -18.56
CA VAL A 54 -2.83 12.72 -18.31
C VAL A 54 -3.89 13.71 -17.82
N TRP A 55 -5.12 13.56 -18.33
CA TRP A 55 -6.32 14.28 -17.83
C TRP A 55 -7.20 13.29 -17.06
N PHE A 56 -7.60 13.66 -15.84
CA PHE A 56 -8.57 12.92 -15.00
C PHE A 56 -9.90 13.67 -15.02
N PHE A 57 -10.94 13.03 -15.58
CA PHE A 57 -12.34 13.54 -15.61
C PHE A 57 -13.08 12.94 -14.42
N LEU A 58 -13.48 13.77 -13.45
CA LEU A 58 -14.07 13.33 -12.16
C LEU A 58 -15.58 13.53 -12.15
N HIS A 59 -16.23 12.95 -11.15
CA HIS A 59 -17.68 13.07 -10.84
C HIS A 59 -18.03 14.54 -10.67
N PRO A 60 -19.22 15.00 -11.15
CA PRO A 60 -19.66 16.38 -10.98
C PRO A 60 -19.52 16.99 -9.58
N SER A 61 -19.58 16.18 -8.52
CA SER A 61 -19.46 16.61 -7.10
C SER A 61 -18.09 17.28 -6.85
N TYR A 62 -17.11 17.08 -7.74
CA TYR A 62 -15.73 17.63 -7.62
C TYR A 62 -15.62 18.98 -8.34
N LYS A 63 -16.69 19.46 -8.98
CA LYS A 63 -16.72 20.79 -9.64
C LYS A 63 -16.45 21.86 -8.58
N PRO A 64 -15.72 22.96 -8.90
CA PRO A 64 -15.24 23.23 -10.26
C PRO A 64 -13.93 22.55 -10.69
N ASN A 65 -13.33 21.73 -9.82
CA ASN A 65 -12.04 21.03 -10.08
C ASN A 65 -12.32 19.57 -10.47
N ASP A 66 -13.20 19.35 -11.44
CA ASP A 66 -13.64 18.00 -11.91
C ASP A 66 -12.80 17.56 -13.12
N LEU A 67 -11.92 18.45 -13.62
CA LEU A 67 -10.90 18.09 -14.64
C LEU A 67 -9.51 18.47 -14.10
N VAL A 68 -8.68 17.47 -13.84
CA VAL A 68 -7.30 17.66 -13.30
C VAL A 68 -6.30 17.17 -14.34
N GLU A 69 -5.33 18.02 -14.67
CA GLU A 69 -4.21 17.71 -15.60
C GLU A 69 -2.96 17.44 -14.76
N VAL A 70 -2.25 16.35 -15.06
CA VAL A 70 -0.92 16.02 -14.48
C VAL A 70 0.07 15.88 -15.65
N ARG A 71 1.07 16.76 -15.71
CA ARG A 71 2.07 16.82 -16.81
C ARG A 71 3.40 16.22 -16.34
N GLU A 72 3.70 16.27 -15.03
CA GLU A 72 4.97 15.79 -14.45
C GLU A 72 4.73 14.44 -13.75
N PRO A 73 5.57 13.40 -14.02
CA PRO A 73 5.41 12.12 -13.33
C PRO A 73 5.71 12.25 -11.84
N PRO A 74 5.16 11.38 -10.97
CA PRO A 74 4.26 10.30 -11.40
C PRO A 74 2.84 10.80 -11.71
N PHE A 75 2.12 10.08 -12.57
CA PHE A 75 0.77 10.48 -13.05
C PHE A 75 -0.27 9.98 -12.03
N HIS A 76 -0.33 10.68 -10.91
CA HIS A 76 -1.21 10.37 -9.75
C HIS A 76 -2.19 11.51 -9.49
N LEU A 77 -3.40 11.17 -9.05
CA LEU A 77 -4.41 12.14 -8.56
C LEU A 77 -4.90 11.66 -7.18
N THR A 78 -4.82 12.54 -6.18
CA THR A 78 -5.27 12.27 -4.79
C THR A 78 -6.51 13.11 -4.49
N ARG A 79 -7.59 12.47 -4.05
CA ARG A 79 -8.84 13.15 -3.62
C ARG A 79 -9.48 12.37 -2.47
N ARG A 80 -10.31 13.06 -1.68
CA ARG A 80 -11.19 12.44 -0.67
C ARG A 80 -12.59 12.30 -1.28
N GLY A 81 -13.32 11.24 -0.92
CA GLY A 81 -14.70 11.01 -1.40
C GLY A 81 -15.43 9.99 -0.56
N TRP A 82 -16.71 9.73 -0.88
CA TRP A 82 -17.56 8.75 -0.15
C TRP A 82 -18.20 7.75 -1.12
N GLY A 83 -17.89 7.82 -2.42
CA GLY A 83 -18.61 7.07 -3.46
C GLY A 83 -17.69 6.50 -4.53
N GLU A 84 -18.09 5.38 -5.12
CA GLU A 84 -17.44 4.75 -6.29
C GLU A 84 -18.11 5.29 -7.56
N PHE A 85 -17.31 5.72 -8.53
CA PHE A 85 -17.78 6.28 -9.83
C PHE A 85 -16.76 5.94 -10.91
N PRO A 86 -17.15 5.95 -12.21
CA PRO A 86 -16.20 5.76 -13.29
C PRO A 86 -15.31 7.00 -13.47
N VAL A 87 -14.00 6.83 -13.26
CA VAL A 87 -12.97 7.87 -13.55
C VAL A 87 -12.59 7.73 -15.02
N ARG A 88 -12.82 8.77 -15.82
CA ARG A 88 -12.36 8.82 -17.23
C ARG A 88 -10.94 9.40 -17.23
N VAL A 89 -9.99 8.66 -17.79
CA VAL A 89 -8.56 9.05 -17.88
C VAL A 89 -8.18 9.16 -19.36
N GLN A 90 -7.79 10.36 -19.78
CA GLN A 90 -7.28 10.61 -21.15
C GLN A 90 -5.76 10.76 -21.08
N VAL A 91 -5.04 9.84 -21.71
N VAL A 91 -5.02 9.84 -21.68
CA VAL A 91 -3.56 9.79 -21.76
CA VAL A 91 -3.53 9.87 -21.68
C VAL A 91 -3.10 10.47 -23.07
C VAL A 91 -3.06 10.43 -23.03
N HIS A 92 -2.22 11.48 -22.97
CA HIS A 92 -1.62 12.17 -24.15
C HIS A 92 -0.19 11.65 -24.35
N PHE A 93 0.09 11.11 -25.54
CA PHE A 93 1.40 10.52 -25.91
C PHE A 93 2.28 11.62 -26.50
N LYS A 94 3.60 11.48 -26.34
CA LYS A 94 4.62 12.52 -26.70
C LYS A 94 4.73 12.64 -28.22
N ASP A 95 4.83 11.51 -28.92
CA ASP A 95 4.92 11.45 -30.41
C ASP A 95 3.52 11.32 -31.00
N SER A 96 2.90 10.14 -30.88
CA SER A 96 1.56 9.79 -31.41
C SER A 96 1.23 8.33 -31.06
N LYS A 99 -1.41 11.97 -30.47
CA LYS A 99 -2.45 10.92 -30.24
C LYS A 99 -2.92 10.94 -28.78
N ARG A 100 -4.17 10.53 -28.55
CA ARG A 100 -4.80 10.46 -27.21
C ARG A 100 -5.69 9.21 -27.15
N ILE A 101 -5.76 8.56 -25.99
CA ILE A 101 -6.70 7.42 -25.74
C ILE A 101 -7.43 7.67 -24.41
N ASP A 102 -8.71 7.32 -24.36
CA ASP A 102 -9.57 7.41 -23.16
C ASP A 102 -9.63 6.02 -22.50
N ILE A 103 -9.38 5.97 -21.20
CA ILE A 103 -9.51 4.74 -20.36
C ILE A 103 -10.51 5.05 -19.25
N ILE A 104 -11.56 4.22 -19.13
CA ILE A 104 -12.55 4.30 -18.02
C ILE A 104 -12.10 3.34 -16.92
N HIS A 105 -11.83 3.88 -15.72
CA HIS A 105 -11.47 3.09 -14.52
C HIS A 105 -12.59 3.23 -13.49
N ASN A 106 -13.25 2.12 -13.15
CA ASN A 106 -14.29 2.06 -12.08
C ASN A 106 -13.57 2.10 -10.73
N LEU A 107 -13.65 3.24 -10.04
CA LEU A 107 -12.99 3.47 -8.72
C LEU A 107 -13.53 2.42 -7.73
N LYS A 108 -12.63 1.75 -7.01
CA LYS A 108 -13.00 0.79 -5.95
C LYS A 108 -12.40 1.28 -4.63
N LEU A 109 -13.24 1.42 -3.60
CA LEU A 109 -12.84 1.97 -2.28
C LEU A 109 -12.59 0.84 -1.29
N ASP A 110 -11.70 1.10 -0.35
CA ASP A 110 -11.20 0.12 0.66
C ASP A 110 -12.38 -0.45 1.47
N ARG A 111 -12.41 -1.77 1.67
CA ARG A 111 -13.40 -2.46 2.53
C ARG A 111 -12.67 -3.26 3.62
N THR A 112 -11.36 -3.05 3.80
CA THR A 112 -10.63 -3.59 4.99
C THR A 112 -11.00 -2.76 6.22
N TYR A 113 -11.23 -1.46 6.02
CA TYR A 113 -11.54 -0.46 7.09
C TYR A 113 -10.43 -0.47 8.15
N THR A 114 -9.19 -0.80 7.75
CA THR A 114 -8.00 -0.80 8.63
C THR A 114 -7.53 0.63 8.86
N GLY A 115 -7.82 1.54 7.93
CA GLY A 115 -7.23 2.89 7.88
C GLY A 115 -5.90 2.89 7.14
N LEU A 116 -5.48 1.73 6.64
CA LEU A 116 -4.27 1.61 5.79
C LEU A 116 -4.69 1.67 4.32
N GLN A 117 -3.76 2.11 3.48
CA GLN A 117 -3.96 2.23 2.01
C GLN A 117 -3.95 0.81 1.42
N THR A 118 -4.96 0.48 0.62
CA THR A 118 -5.11 -0.86 -0.02
C THR A 118 -5.35 -0.67 -1.52
N LEU A 119 -4.96 -1.67 -2.32
CA LEU A 119 -5.23 -1.67 -3.78
C LEU A 119 -6.73 -1.86 -3.99
N GLY A 120 -7.36 -0.95 -4.73
CA GLY A 120 -8.79 -1.01 -5.08
C GLY A 120 -9.01 -1.91 -6.29
N ALA A 121 -8.48 -1.49 -7.44
CA ALA A 121 -8.58 -2.23 -8.71
C ALA A 121 -7.60 -1.62 -9.73
N GLU A 122 -7.32 -2.38 -10.79
CA GLU A 122 -6.47 -1.95 -11.93
C GLU A 122 -7.20 -2.28 -13.23
N THR A 123 -7.22 -1.32 -14.15
CA THR A 123 -7.73 -1.45 -15.53
C THR A 123 -6.51 -1.50 -16.46
N VAL A 124 -6.34 -2.61 -17.18
CA VAL A 124 -5.16 -2.88 -18.05
C VAL A 124 -5.60 -2.73 -19.51
N VAL A 125 -4.90 -1.88 -20.27
CA VAL A 125 -5.16 -1.69 -21.73
C VAL A 125 -3.82 -1.80 -22.49
N ASP A 126 -3.86 -2.43 -23.66
CA ASP A 126 -2.71 -2.51 -24.60
C ASP A 126 -2.95 -1.47 -25.71
N VAL A 127 -2.05 -0.51 -25.87
CA VAL A 127 -2.14 0.58 -26.89
C VAL A 127 -1.15 0.26 -28.02
N GLU A 128 -1.52 0.61 -29.26
CA GLU A 128 -0.80 0.19 -30.49
C GLU A 128 0.30 1.20 -30.84
N LEU A 129 0.01 2.50 -30.71
CA LEU A 129 0.92 3.63 -31.09
C LEU A 129 1.48 3.39 -32.50
N SER B 2 -17.04 -12.67 28.78
CA SER B 2 -16.56 -14.01 29.24
C SER B 2 -15.35 -14.45 28.41
N ARG B 3 -15.59 -15.14 27.29
CA ARG B 3 -14.54 -15.71 26.41
C ARG B 3 -13.85 -14.60 25.61
N LEU B 4 -14.59 -13.53 25.27
CA LEU B 4 -14.11 -12.38 24.46
C LEU B 4 -13.38 -11.38 25.36
N PHE B 5 -13.70 -11.36 26.66
CA PHE B 5 -13.02 -10.51 27.67
C PHE B 5 -11.59 -11.02 27.91
N VAL B 6 -11.44 -12.34 28.10
CA VAL B 6 -10.14 -13.01 28.42
C VAL B 6 -9.25 -13.04 27.17
N LYS B 7 -9.84 -13.21 25.99
CA LYS B 7 -9.13 -13.40 24.70
C LYS B 7 -8.18 -12.23 24.42
N LYS B 8 -7.01 -12.52 23.87
CA LYS B 8 -6.01 -11.52 23.40
C LYS B 8 -5.68 -11.79 21.94
N THR B 9 -5.92 -10.81 21.07
CA THR B 9 -5.64 -10.88 19.61
C THR B 9 -4.30 -10.20 19.32
N ILE B 10 -3.41 -10.91 18.62
CA ILE B 10 -2.15 -10.35 18.07
C ILE B 10 -2.28 -10.35 16.55
N VAL B 11 -2.09 -9.18 15.93
CA VAL B 11 -2.10 -9.05 14.45
C VAL B 11 -0.66 -8.74 14.02
N VAL B 12 -0.10 -9.59 13.15
CA VAL B 12 1.20 -9.33 12.48
C VAL B 12 0.85 -9.00 11.03
N GLY B 13 1.19 -7.79 10.59
CA GLY B 13 0.90 -7.35 9.22
C GLY B 13 2.13 -6.77 8.58
N ASN B 14 2.05 -6.47 7.29
CA ASN B 14 3.11 -5.67 6.63
C ASN B 14 2.47 -4.74 5.61
N VAL B 15 3.10 -3.59 5.45
CA VAL B 15 2.86 -2.63 4.36
C VAL B 15 4.15 -2.57 3.55
N SER B 16 4.10 -2.01 2.35
CA SER B 16 5.33 -1.81 1.55
C SER B 16 5.05 -0.77 0.47
N LYS B 17 6.12 -0.22 -0.10
CA LYS B 17 6.03 0.63 -1.30
C LYS B 17 7.14 0.21 -2.26
N TYR B 18 6.85 0.30 -3.56
CA TYR B 18 7.82 0.13 -4.66
C TYR B 18 8.82 1.28 -4.62
N ILE B 19 10.10 0.96 -4.84
CA ILE B 19 11.21 1.95 -4.99
C ILE B 19 11.58 1.97 -6.47
N PRO B 20 11.22 3.03 -7.22
CA PRO B 20 11.62 3.12 -8.64
C PRO B 20 13.14 3.02 -8.80
N PRO B 21 13.64 2.42 -9.90
CA PRO B 21 15.08 2.20 -10.09
C PRO B 21 15.93 3.48 -10.01
N ASP B 22 15.38 4.61 -10.48
CA ASP B 22 16.08 5.92 -10.53
C ASP B 22 16.23 6.50 -9.11
N LYS B 23 15.46 6.01 -8.13
CA LYS B 23 15.52 6.46 -6.73
C LYS B 23 16.37 5.49 -5.88
N ARG B 24 17.27 4.73 -6.51
CA ARG B 24 18.23 3.83 -5.83
C ARG B 24 19.48 3.61 -6.70
N GLU B 25 20.52 3.02 -6.13
CA GLU B 25 21.83 2.74 -6.79
C GLU B 25 21.63 1.67 -7.87
N GLU B 26 22.57 1.60 -8.83
CA GLU B 26 22.53 0.63 -9.96
C GLU B 26 22.71 -0.80 -9.42
N ASN B 27 23.47 -0.97 -8.33
CA ASN B 27 23.81 -2.28 -7.73
C ASN B 27 22.76 -2.68 -6.68
N ASP B 28 21.85 -1.78 -6.30
CA ASP B 28 20.82 -2.01 -5.25
C ASP B 28 19.66 -2.82 -5.85
N GLN B 29 19.54 -4.10 -5.47
CA GLN B 29 18.50 -5.03 -6.00
C GLN B 29 17.18 -4.85 -5.23
N SER B 30 17.14 -4.06 -4.16
CA SER B 30 15.91 -3.83 -3.35
C SER B 30 14.87 -3.09 -4.20
N THR B 31 13.71 -3.70 -4.42
CA THR B 31 12.59 -3.15 -5.21
C THR B 31 11.56 -2.47 -4.30
N HIS B 32 11.60 -2.76 -3.00
CA HIS B 32 10.57 -2.33 -2.03
C HIS B 32 11.20 -1.87 -0.72
N LYS B 33 10.56 -0.91 -0.07
CA LYS B 33 10.67 -0.64 1.38
C LYS B 33 9.46 -1.29 2.04
N TRP B 34 9.67 -2.20 2.99
CA TRP B 34 8.55 -2.89 3.68
C TRP B 34 8.65 -2.66 5.18
N MET B 35 7.51 -2.76 5.86
CA MET B 35 7.43 -2.66 7.33
C MET B 35 6.54 -3.78 7.86
N VAL B 36 7.08 -4.61 8.73
CA VAL B 36 6.31 -5.63 9.48
C VAL B 36 5.97 -5.00 10.83
N TYR B 37 4.71 -5.13 11.25
CA TYR B 37 4.22 -4.54 12.52
C TYR B 37 3.51 -5.62 13.33
N VAL B 38 3.56 -5.48 14.65
CA VAL B 38 2.76 -6.28 15.60
C VAL B 38 1.83 -5.29 16.29
N ARG B 39 0.52 -5.49 16.13
CA ARG B 39 -0.52 -4.61 16.70
C ARG B 39 -1.56 -5.46 17.42
N GLY B 40 -2.33 -4.83 18.31
CA GLY B 40 -3.51 -5.44 18.95
C GLY B 40 -4.75 -5.22 18.10
N SER B 41 -5.84 -5.86 18.51
CA SER B 41 -7.19 -5.70 17.90
C SER B 41 -7.71 -4.28 18.17
N ARG B 42 -8.47 -3.75 17.20
CA ARG B 42 -9.27 -2.50 17.31
C ARG B 42 -9.98 -2.47 18.66
N ARG B 43 -10.58 -3.58 19.07
CA ARG B 43 -11.53 -3.63 20.21
C ARG B 43 -10.82 -4.03 21.51
N GLU B 44 -9.48 -4.01 21.55
CA GLU B 44 -8.69 -4.39 22.75
C GLU B 44 -7.70 -3.29 23.11
N PRO B 45 -7.19 -3.24 24.36
CA PRO B 45 -6.18 -2.26 24.74
C PRO B 45 -4.87 -2.45 23.96
N SER B 46 -3.97 -1.46 24.03
CA SER B 46 -2.61 -1.50 23.42
C SER B 46 -1.91 -2.79 23.88
N ILE B 47 -1.21 -3.47 22.97
CA ILE B 47 -0.48 -4.75 23.27
C ILE B 47 0.71 -4.45 24.18
N ASN B 48 1.13 -3.18 24.28
CA ASN B 48 2.24 -2.70 25.16
C ASN B 48 2.03 -3.18 26.60
N HIS B 49 0.77 -3.36 27.03
CA HIS B 49 0.42 -3.75 28.42
C HIS B 49 0.89 -5.18 28.72
N PHE B 50 0.99 -6.07 27.72
CA PHE B 50 1.34 -7.50 27.96
C PHE B 50 2.46 -8.01 27.05
N VAL B 51 2.93 -7.22 26.06
CA VAL B 51 4.09 -7.59 25.21
C VAL B 51 5.35 -6.95 25.81
N LYS B 52 6.32 -7.78 26.21
CA LYS B 52 7.62 -7.35 26.78
C LYS B 52 8.58 -6.95 25.65
N LYS B 53 8.66 -7.78 24.61
CA LYS B 53 9.60 -7.58 23.48
C LYS B 53 9.15 -8.43 22.30
N VAL B 54 9.59 -8.05 21.09
CA VAL B 54 9.37 -8.82 19.84
C VAL B 54 10.73 -9.07 19.19
N TRP B 55 10.96 -10.32 18.79
CA TRP B 55 12.13 -10.75 17.98
C TRP B 55 11.66 -10.97 16.54
N PHE B 56 12.22 -10.21 15.61
CA PHE B 56 11.99 -10.36 14.16
C PHE B 56 13.12 -11.22 13.59
N PHE B 57 12.79 -12.45 13.18
CA PHE B 57 13.70 -13.37 12.47
C PHE B 57 13.54 -13.15 10.97
N LEU B 58 14.58 -12.61 10.33
CA LEU B 58 14.57 -12.22 8.89
C LEU B 58 15.24 -13.29 8.03
N HIS B 59 15.06 -13.16 6.72
CA HIS B 59 15.70 -14.01 5.69
C HIS B 59 17.22 -13.94 5.85
N PRO B 60 17.97 -15.05 5.63
CA PRO B 60 19.42 -15.05 5.74
C PRO B 60 20.17 -14.01 4.88
N SER B 61 19.52 -13.45 3.86
CA SER B 61 20.08 -12.36 3.02
C SER B 61 20.32 -11.09 3.86
N TYR B 62 19.69 -11.00 5.04
CA TYR B 62 19.82 -9.85 5.98
C TYR B 62 20.96 -10.08 6.98
N LYS B 63 21.61 -11.25 6.95
CA LYS B 63 22.82 -11.54 7.77
C LYS B 63 23.86 -10.46 7.50
N PRO B 64 24.62 -10.00 8.52
CA PRO B 64 24.57 -10.58 9.87
C PRO B 64 23.43 -10.09 10.78
N ASN B 65 22.59 -9.16 10.30
CA ASN B 65 21.49 -8.54 11.11
C ASN B 65 20.15 -9.20 10.77
N ASP B 66 20.08 -10.52 10.90
CA ASP B 66 18.89 -11.33 10.51
C ASP B 66 18.02 -11.64 11.74
N LEU B 67 18.42 -11.16 12.91
CA LEU B 67 17.59 -11.23 14.15
C LEU B 67 17.59 -9.85 14.82
N VAL B 68 16.43 -9.18 14.82
CA VAL B 68 16.29 -7.80 15.37
C VAL B 68 15.27 -7.83 16.50
N GLU B 69 15.69 -7.39 17.69
CA GLU B 69 14.82 -7.28 18.87
C GLU B 69 14.28 -5.85 18.93
N VAL B 70 12.97 -5.72 19.18
CA VAL B 70 12.30 -4.44 19.53
C VAL B 70 11.64 -4.61 20.90
N ARG B 71 12.12 -3.88 21.90
CA ARG B 71 11.67 -4.01 23.32
C ARG B 71 10.58 -2.99 23.64
N GLU B 72 10.69 -1.79 23.08
CA GLU B 72 9.73 -0.67 23.32
C GLU B 72 8.84 -0.49 22.10
N PRO B 73 7.56 -0.12 22.28
CA PRO B 73 6.67 0.15 21.15
C PRO B 73 7.06 1.45 20.46
N PRO B 74 6.68 1.65 19.17
CA PRO B 74 5.89 0.67 18.42
C PRO B 74 6.69 -0.56 17.97
N PHE B 75 6.07 -1.73 17.96
CA PHE B 75 6.69 -3.02 17.57
C PHE B 75 6.61 -3.17 16.06
N HIS B 76 7.47 -2.46 15.34
N HIS B 76 7.48 -2.43 15.36
CA HIS B 76 7.55 -2.56 13.85
CA HIS B 76 7.61 -2.40 13.89
C HIS B 76 9.02 -2.58 13.44
C HIS B 76 9.06 -2.68 13.50
N LEU B 77 9.27 -3.16 12.26
CA LEU B 77 10.62 -3.24 11.64
C LEU B 77 10.46 -2.88 10.17
N THR B 78 11.17 -1.85 9.74
CA THR B 78 11.19 -1.38 8.33
C THR B 78 12.53 -1.78 7.71
N ARG B 79 12.47 -2.44 6.56
CA ARG B 79 13.66 -2.90 5.81
C ARG B 79 13.41 -2.72 4.31
N ARG B 80 14.50 -2.69 3.54
CA ARG B 80 14.47 -2.71 2.06
C ARG B 80 14.68 -4.16 1.60
N GLY B 81 14.05 -4.56 0.49
CA GLY B 81 14.26 -5.88 -0.11
C GLY B 81 13.50 -6.03 -1.42
N TRP B 82 13.64 -7.16 -2.09
CA TRP B 82 12.83 -7.48 -3.31
C TRP B 82 12.01 -8.75 -3.09
N GLY B 83 12.49 -9.68 -2.27
CA GLY B 83 11.94 -11.03 -2.16
C GLY B 83 10.90 -11.15 -1.07
N GLU B 84 9.82 -11.88 -1.34
CA GLU B 84 8.85 -12.30 -0.31
C GLU B 84 9.42 -13.55 0.38
N PHE B 85 9.18 -13.65 1.69
CA PHE B 85 9.64 -14.78 2.53
C PHE B 85 8.79 -14.81 3.78
N PRO B 86 8.77 -15.95 4.51
CA PRO B 86 8.06 -16.03 5.78
C PRO B 86 8.89 -15.39 6.92
N VAL B 87 8.41 -14.26 7.42
CA VAL B 87 8.99 -13.58 8.62
C VAL B 87 8.51 -14.38 9.82
N ARG B 88 9.42 -14.82 10.70
N ARG B 88 9.42 -14.77 10.71
CA ARG B 88 9.04 -15.37 12.02
CA ARG B 88 9.07 -15.38 12.02
C ARG B 88 9.08 -14.23 13.04
C ARG B 88 9.10 -14.28 13.09
N VAL B 89 7.95 -13.99 13.70
CA VAL B 89 7.79 -12.93 14.72
C VAL B 89 7.56 -13.65 16.05
N GLN B 90 8.53 -13.57 16.95
CA GLN B 90 8.47 -14.21 18.29
C GLN B 90 8.06 -13.14 19.29
N VAL B 91 6.84 -13.24 19.82
CA VAL B 91 6.26 -12.27 20.78
C VAL B 91 6.48 -12.82 22.19
N HIS B 92 7.22 -12.08 23.01
CA HIS B 92 7.49 -12.41 24.44
C HIS B 92 6.53 -11.62 25.32
N PHE B 93 5.89 -12.29 26.28
CA PHE B 93 4.83 -11.72 27.16
C PHE B 93 5.42 -11.42 28.54
N LYS B 94 4.82 -10.45 29.23
CA LYS B 94 5.20 -10.04 30.61
C LYS B 94 4.53 -10.97 31.64
N ASP B 95 4.99 -12.22 31.72
CA ASP B 95 4.47 -13.24 32.68
C ASP B 95 5.48 -14.40 32.77
N LYS B 99 4.74 -16.49 28.61
CA LYS B 99 5.62 -17.35 27.79
C LYS B 99 6.01 -16.62 26.51
N ARG B 100 6.12 -17.33 25.39
CA ARG B 100 6.34 -16.72 24.04
C ARG B 100 5.58 -17.53 22.99
N ILE B 101 5.21 -16.86 21.88
CA ILE B 101 4.56 -17.51 20.71
C ILE B 101 5.35 -17.14 19.45
N ASP B 102 5.44 -18.08 18.51
CA ASP B 102 5.99 -17.86 17.15
C ASP B 102 4.82 -17.60 16.21
N ILE B 103 4.86 -16.48 15.49
CA ILE B 103 3.87 -16.15 14.42
C ILE B 103 4.66 -16.07 13.10
N ILE B 104 4.31 -16.91 12.14
CA ILE B 104 4.88 -16.87 10.76
C ILE B 104 4.00 -15.95 9.93
N HIS B 105 4.57 -14.85 9.44
CA HIS B 105 3.88 -13.89 8.55
C HIS B 105 4.55 -13.92 7.17
N ASN B 106 3.81 -14.36 6.16
CA ASN B 106 4.28 -14.36 4.75
C ASN B 106 4.28 -12.91 4.28
N LEU B 107 5.48 -12.33 4.11
CA LEU B 107 5.66 -10.93 3.65
C LEU B 107 5.02 -10.81 2.26
N LYS B 108 4.10 -9.86 2.08
CA LYS B 108 3.44 -9.60 0.77
C LYS B 108 3.80 -8.18 0.33
N LEU B 109 4.45 -8.06 -0.82
CA LEU B 109 4.99 -6.77 -1.31
C LEU B 109 4.01 -6.13 -2.28
N ASP B 110 4.03 -4.81 -2.33
CA ASP B 110 3.13 -3.97 -3.17
C ASP B 110 3.27 -4.36 -4.63
N ARG B 111 2.13 -4.47 -5.33
CA ARG B 111 2.10 -4.77 -6.79
C ARG B 111 1.39 -3.66 -7.55
N THR B 112 1.22 -2.47 -6.96
CA THR B 112 0.72 -1.27 -7.69
C THR B 112 1.86 -0.67 -8.52
N TYR B 113 3.11 -0.81 -8.07
CA TYR B 113 4.34 -0.27 -8.71
C TYR B 113 4.22 1.24 -8.92
N THR B 114 3.61 1.92 -7.94
CA THR B 114 3.33 3.38 -7.97
C THR B 114 4.35 4.16 -7.13
N GLY B 115 4.92 3.52 -6.10
CA GLY B 115 5.71 4.20 -5.05
C GLY B 115 4.82 4.64 -3.89
N LEU B 116 3.53 4.31 -3.96
CA LEU B 116 2.54 4.55 -2.87
C LEU B 116 2.58 3.33 -1.94
N GLN B 117 2.43 3.54 -0.63
CA GLN B 117 2.44 2.43 0.35
C GLN B 117 1.08 1.72 0.26
N THR B 118 1.08 0.39 0.30
CA THR B 118 -0.16 -0.43 0.36
C THR B 118 0.00 -1.51 1.42
N LEU B 119 -1.12 -1.92 2.00
CA LEU B 119 -1.20 -3.09 2.91
C LEU B 119 -0.91 -4.36 2.11
N GLY B 120 0.04 -5.16 2.57
CA GLY B 120 0.36 -6.48 2.00
C GLY B 120 -0.64 -7.53 2.45
N ALA B 121 -0.62 -7.84 3.74
CA ALA B 121 -1.50 -8.85 4.37
C ALA B 121 -1.40 -8.70 5.88
N GLU B 122 -2.37 -9.25 6.59
CA GLU B 122 -2.35 -9.35 8.08
C GLU B 122 -2.58 -10.81 8.47
N THR B 123 -1.78 -11.29 9.42
CA THR B 123 -1.87 -12.62 10.07
C THR B 123 -2.43 -12.41 11.48
N VAL B 124 -3.61 -12.94 11.77
CA VAL B 124 -4.34 -12.73 13.05
C VAL B 124 -4.26 -14.02 13.87
N VAL B 125 -3.78 -13.93 15.11
N VAL B 125 -3.80 -13.93 15.12
CA VAL B 125 -3.66 -15.09 16.04
CA VAL B 125 -3.64 -15.07 16.06
C VAL B 125 -4.31 -14.73 17.38
C VAL B 125 -4.31 -14.72 17.39
N ASP B 126 -4.98 -15.69 18.00
CA ASP B 126 -5.58 -15.58 19.36
C ASP B 126 -4.62 -16.25 20.34
N VAL B 127 -4.26 -15.57 21.43
CA VAL B 127 -3.37 -16.12 22.51
C VAL B 127 -4.17 -16.21 23.81
N GLU B 128 -3.92 -17.26 24.59
CA GLU B 128 -4.55 -17.52 25.91
C GLU B 128 -3.56 -17.18 27.03
C1 GOL C . -1.30 -5.29 -3.13
O1 GOL C . -0.77 -4.23 -3.93
C2 GOL C . -0.20 -6.19 -2.63
O2 GOL C . -0.68 -7.54 -2.59
C3 GOL C . 0.33 -5.82 -1.26
O3 GOL C . 0.50 -4.42 -1.09
#